data_8BZR
#
_entry.id   8BZR
#
_cell.length_a   56.005
_cell.length_b   56.427
_cell.length_c   86.958
_cell.angle_alpha   90.000
_cell.angle_beta   90.000
_cell.angle_gamma   90.000
#
_symmetry.space_group_name_H-M   'P 2 21 21'
#
loop_
_entity.id
_entity.type
_entity.pdbx_description
1 polymer 'Ubiquitin-fold modifier-conjugating enzyme 1'
2 polymer 'Ubiquitin-fold modifier 1'
3 non-polymer 1,2-ETHANEDIOL
4 water water
#
loop_
_entity_poly.entity_id
_entity_poly.type
_entity_poly.pdbx_seq_one_letter_code
_entity_poly.pdbx_strand_id
1 'polypeptide(L)'
;GPLGSMADEATRRVVSEIPVLKTNAGPRDRELWVQRLKEEYQSLIRYVENNKNADNDWFRLESNKEGTRWFGKCWYIHDL
LKYEFDIEFDIPITYPTTAPEIAVPELDGKTAKMYRGGKIKLTDHFKPLWARNVPKFGLAHLMALGLGPWLAVEIPDLIQ
KGVIQHKEKCNQ
;
A
2 'polypeptide(L)'
;GMSKVSFKITLTSDPRLPYKVLSVPESTPFTAVLKFAAEEFKVPAATSAIITNDGIGINPAQTAGNVFLKHGSELRIIPR
DRVG
;
B
#
# COMPACT_ATOMS: atom_id res chain seq x y z
N SER A 5 -12.92 4.98 -11.28
CA SER A 5 -12.88 3.51 -11.50
C SER A 5 -13.41 2.81 -10.26
N MET A 6 -13.85 1.56 -10.43
CA MET A 6 -14.43 0.83 -9.30
C MET A 6 -13.33 0.54 -8.28
N ALA A 7 -12.10 0.26 -8.73
CA ALA A 7 -10.98 0.03 -7.84
C ALA A 7 -10.74 1.24 -6.91
N ASP A 8 -10.63 2.41 -7.52
CA ASP A 8 -10.42 3.67 -6.84
C ASP A 8 -11.45 3.90 -5.73
N GLU A 9 -12.74 3.84 -6.10
CA GLU A 9 -13.83 4.13 -5.18
C GLU A 9 -13.79 3.13 -4.01
N ALA A 10 -13.49 1.85 -4.32
CA ALA A 10 -13.38 0.78 -3.32
C ALA A 10 -12.31 1.12 -2.28
N THR A 11 -11.09 1.36 -2.73
CA THR A 11 -10.00 1.74 -1.84
C THR A 11 -10.33 2.97 -1.00
N ARG A 12 -10.78 4.02 -1.67
CA ARG A 12 -11.09 5.26 -0.98
C ARG A 12 -12.07 4.97 0.17
N ARG A 13 -13.15 4.21 -0.13
CA ARG A 13 -14.24 3.97 0.82
C ARG A 13 -13.71 3.09 1.96
N VAL A 14 -12.95 2.05 1.60
CA VAL A 14 -12.38 1.15 2.58
C VAL A 14 -11.52 1.94 3.56
N VAL A 15 -10.57 2.68 3.02
CA VAL A 15 -9.64 3.39 3.87
C VAL A 15 -10.37 4.52 4.62
N SER A 16 -11.33 5.18 3.98
CA SER A 16 -12.10 6.22 4.64
C SER A 16 -12.86 5.70 5.86
N GLU A 17 -13.34 4.44 5.80
CA GLU A 17 -14.14 3.88 6.87
C GLU A 17 -13.30 3.35 8.04
N ILE A 18 -11.96 3.33 7.91
CA ILE A 18 -11.08 2.90 8.98
C ILE A 18 -10.86 4.10 9.88
N PRO A 19 -11.22 4.08 11.18
CA PRO A 19 -11.10 5.27 12.01
C PRO A 19 -9.63 5.66 12.10
N VAL A 20 -9.35 6.97 11.96
CA VAL A 20 -7.98 7.44 12.07
C VAL A 20 -7.64 7.50 13.56
N LEU A 21 -6.35 7.36 13.86
CA LEU A 21 -5.88 7.40 15.22
C LEU A 21 -5.48 8.83 15.53
N LYS A 22 -5.19 9.07 16.82
CA LYS A 22 -5.12 10.43 17.33
C LYS A 22 -3.79 10.73 17.97
N THR A 23 -3.35 9.81 18.85
CA THR A 23 -2.30 10.14 19.81
C THR A 23 -0.94 9.85 19.19
N ASN A 24 -0.08 10.85 19.19
CA ASN A 24 1.29 10.61 18.79
C ASN A 24 2.06 10.07 20.01
N ALA A 25 2.07 8.73 20.18
CA ALA A 25 2.75 8.11 21.32
C ALA A 25 3.14 6.68 20.94
N GLY A 26 4.34 6.30 21.39
CA GLY A 26 4.85 4.96 21.18
C GLY A 26 5.07 4.28 22.52
N PRO A 27 5.65 3.07 22.52
CA PRO A 27 5.79 2.26 23.73
C PRO A 27 6.45 2.90 24.93
N ARG A 28 7.28 3.92 24.71
CA ARG A 28 8.02 4.57 25.78
C ARG A 28 7.05 5.42 26.61
N ASP A 29 5.85 5.71 26.10
CA ASP A 29 5.12 6.92 26.52
C ASP A 29 4.01 6.69 27.57
N ARG A 30 4.11 5.61 28.40
CA ARG A 30 3.29 5.44 29.60
C ARG A 30 1.79 5.58 29.34
N GLU A 31 1.07 6.52 29.99
CA GLU A 31 -0.39 6.55 29.90
C GLU A 31 -0.83 6.96 28.48
N LEU A 32 0.02 7.71 27.81
CA LEU A 32 -0.24 8.10 26.44
C LEU A 32 -0.13 6.89 25.50
N TRP A 33 0.76 5.94 25.78
CA TRP A 33 0.80 4.67 25.04
C TRP A 33 -0.46 3.86 25.28
N VAL A 34 -0.94 3.81 26.52
CA VAL A 34 -2.19 3.12 26.84
C VAL A 34 -3.33 3.68 26.00
N GLN A 35 -3.40 5.02 25.93
CA GLN A 35 -4.41 5.65 25.10
C GLN A 35 -4.26 5.28 23.62
N ARG A 36 -3.01 5.31 23.14
CA ARG A 36 -2.74 4.93 21.76
C ARG A 36 -3.24 3.51 21.53
N LEU A 37 -2.99 2.61 22.47
CA LEU A 37 -3.39 1.21 22.26
C LEU A 37 -4.89 1.08 22.19
N LYS A 38 -5.61 1.87 22.99
CA LYS A 38 -7.05 1.85 22.91
C LYS A 38 -7.46 2.25 21.51
N GLU A 39 -6.88 3.32 21.01
CA GLU A 39 -7.17 3.80 19.66
C GLU A 39 -6.89 2.69 18.64
N GLU A 40 -5.75 2.02 18.79
CA GLU A 40 -5.40 0.97 17.86
C GLU A 40 -6.48 -0.12 17.88
N TYR A 41 -6.89 -0.59 19.08
CA TYR A 41 -7.89 -1.64 19.15
C TYR A 41 -9.22 -1.15 18.55
N GLN A 42 -9.61 0.08 18.83
CA GLN A 42 -10.83 0.60 18.30
C GLN A 42 -10.81 0.64 16.77
N SER A 43 -9.66 1.02 16.21
CA SER A 43 -9.54 1.17 14.78
C SER A 43 -9.54 -0.22 14.15
N LEU A 44 -8.85 -1.17 14.82
CA LEU A 44 -8.82 -2.53 14.32
C LEU A 44 -10.21 -3.18 14.35
N ILE A 45 -10.91 -3.00 15.46
CA ILE A 45 -12.23 -3.58 15.64
C ILE A 45 -13.22 -3.04 14.61
N ARG A 46 -13.26 -1.72 14.40
CA ARG A 46 -14.08 -1.16 13.33
C ARG A 46 -13.72 -1.69 11.95
N TYR A 47 -12.42 -1.84 11.64
CA TYR A 47 -12.01 -2.35 10.35
C TYR A 47 -12.51 -3.79 10.21
N VAL A 48 -12.37 -4.61 11.27
CA VAL A 48 -12.82 -5.99 11.19
C VAL A 48 -14.36 -6.00 10.99
N GLU A 49 -15.08 -5.16 11.70
CA GLU A 49 -16.55 -5.09 11.50
C GLU A 49 -16.90 -4.76 10.04
N ASN A 50 -16.16 -3.80 9.44
CA ASN A 50 -16.36 -3.44 8.06
C ASN A 50 -16.04 -4.65 7.17
N ASN A 51 -14.95 -5.34 7.48
CA ASN A 51 -14.56 -6.49 6.67
C ASN A 51 -15.69 -7.55 6.69
N LYS A 52 -16.21 -7.84 7.87
CA LYS A 52 -17.31 -8.78 8.03
C LYS A 52 -18.52 -8.39 7.20
N ASN A 53 -18.87 -7.10 7.23
CA ASN A 53 -19.96 -6.57 6.44
C ASN A 53 -19.70 -6.56 4.93
N ALA A 54 -18.44 -6.61 4.49
CA ALA A 54 -18.12 -6.65 3.09
C ALA A 54 -17.81 -8.08 2.62
N ASP A 55 -18.07 -9.07 3.48
CA ASP A 55 -17.84 -10.47 3.12
C ASP A 55 -16.39 -10.71 2.78
N ASN A 56 -15.48 -10.07 3.54
CA ASN A 56 -14.07 -10.33 3.39
C ASN A 56 -13.33 -10.16 4.73
N ASP A 57 -13.69 -11.04 5.68
CA ASP A 57 -13.17 -11.02 7.03
C ASP A 57 -11.79 -11.66 6.96
N TRP A 58 -10.74 -10.91 6.62
CA TRP A 58 -9.51 -11.56 6.18
C TRP A 58 -8.37 -11.57 7.22
N PHE A 59 -8.56 -11.00 8.42
CA PHE A 59 -7.50 -11.11 9.44
C PHE A 59 -8.01 -10.97 10.86
N ARG A 60 -7.18 -11.49 11.78
CA ARG A 60 -7.33 -11.21 13.20
C ARG A 60 -5.94 -10.90 13.75
N LEU A 61 -5.88 -9.94 14.69
CA LEU A 61 -4.64 -9.56 15.33
C LEU A 61 -4.87 -9.47 16.84
N GLU A 62 -3.87 -9.89 17.60
CA GLU A 62 -3.84 -9.67 19.04
C GLU A 62 -2.45 -9.20 19.43
N SER A 63 -2.25 -8.84 20.70
CA SER A 63 -0.97 -8.37 21.17
C SER A 63 -0.71 -8.93 22.56
N ASN A 64 0.55 -8.83 22.97
CA ASN A 64 0.85 -8.96 24.39
C ASN A 64 0.18 -7.79 25.15
N LYS A 65 0.27 -7.88 26.49
CA LYS A 65 -0.32 -6.88 27.36
C LYS A 65 0.24 -5.49 27.09
N GLU A 66 1.53 -5.42 26.80
CA GLU A 66 2.22 -4.15 26.69
C GLU A 66 1.95 -3.53 25.32
N GLY A 67 1.40 -4.31 24.37
CA GLY A 67 1.08 -3.81 23.03
C GLY A 67 2.29 -3.67 22.09
N THR A 68 3.39 -4.31 22.43
CA THR A 68 4.66 -4.21 21.71
C THR A 68 4.91 -5.39 20.77
N ARG A 69 4.18 -6.47 20.94
CA ARG A 69 4.32 -7.68 20.13
C ARG A 69 2.94 -8.15 19.66
N TRP A 70 2.78 -8.23 18.33
CA TRP A 70 1.51 -8.52 17.70
C TRP A 70 1.61 -9.81 16.92
N PHE A 71 0.54 -10.60 16.93
CA PHE A 71 0.48 -11.86 16.22
C PHE A 71 -0.98 -12.11 15.83
N GLY A 72 -1.18 -12.88 14.76
CA GLY A 72 -2.55 -13.15 14.38
C GLY A 72 -2.57 -14.03 13.15
N LYS A 73 -3.64 -13.90 12.40
CA LYS A 73 -3.83 -14.72 11.22
C LYS A 73 -4.44 -13.87 10.11
N CYS A 74 -4.11 -14.25 8.89
CA CYS A 74 -4.79 -13.75 7.70
C CYS A 74 -5.21 -14.88 6.77
N TRP A 75 -6.21 -14.55 5.96
CA TRP A 75 -6.79 -15.54 5.06
C TRP A 75 -6.89 -14.92 3.67
N TYR A 76 -6.67 -15.75 2.66
CA TYR A 76 -6.83 -15.35 1.28
C TYR A 76 -7.67 -16.43 0.61
N ILE A 77 -8.71 -16.01 -0.11
CA ILE A 77 -9.58 -16.93 -0.86
C ILE A 77 -9.17 -16.88 -2.34
N HIS A 78 -8.89 -18.02 -2.94
CA HIS A 78 -8.51 -18.09 -4.34
C HIS A 78 -9.12 -19.37 -4.95
N ASP A 79 -9.90 -19.21 -6.01
CA ASP A 79 -10.51 -20.35 -6.68
C ASP A 79 -11.27 -21.24 -5.68
N LEU A 80 -12.06 -20.60 -4.80
CA LEU A 80 -12.98 -21.26 -3.89
C LEU A 80 -12.29 -21.88 -2.67
N LEU A 81 -10.97 -21.75 -2.55
CA LEU A 81 -10.24 -22.40 -1.48
C LEU A 81 -9.65 -21.33 -0.55
N LYS A 82 -9.61 -21.66 0.75
CA LYS A 82 -9.18 -20.72 1.77
C LYS A 82 -7.75 -21.08 2.14
N TYR A 83 -6.89 -20.05 2.15
CA TYR A 83 -5.50 -20.18 2.56
C TYR A 83 -5.29 -19.34 3.82
N GLU A 84 -4.61 -19.95 4.81
CA GLU A 84 -4.44 -19.33 6.11
C GLU A 84 -2.93 -19.15 6.34
N PHE A 85 -2.51 -17.98 6.83
CA PHE A 85 -1.13 -17.69 7.17
C PHE A 85 -1.06 -16.98 8.53
N ASP A 86 -0.10 -17.42 9.35
CA ASP A 86 0.22 -16.73 10.58
C ASP A 86 1.05 -15.47 10.31
N ILE A 87 0.73 -14.39 11.06
CA ILE A 87 1.43 -13.13 10.95
C ILE A 87 1.90 -12.71 12.32
N GLU A 88 2.94 -11.90 12.32
CA GLU A 88 3.46 -11.31 13.54
C GLU A 88 4.28 -10.08 13.21
N PHE A 89 4.42 -9.23 14.23
CA PHE A 89 5.27 -8.06 14.11
C PHE A 89 5.52 -7.47 15.50
N ASP A 90 6.65 -6.77 15.60
CA ASP A 90 7.05 -6.01 16.78
C ASP A 90 6.89 -4.51 16.54
N ILE A 91 6.45 -3.79 17.57
CA ILE A 91 6.30 -2.34 17.48
C ILE A 91 7.66 -1.70 17.73
N PRO A 92 8.21 -0.91 16.80
CA PRO A 92 9.47 -0.21 17.06
C PRO A 92 9.26 0.89 18.08
N ILE A 93 10.34 1.27 18.74
CA ILE A 93 10.21 2.27 19.79
C ILE A 93 9.87 3.64 19.21
N THR A 94 10.08 3.85 17.90
CA THR A 94 9.79 5.16 17.30
C THR A 94 8.42 5.17 16.60
N TYR A 95 7.61 4.13 16.86
CA TYR A 95 6.22 4.12 16.44
C TYR A 95 5.53 5.29 17.14
N PRO A 96 4.51 5.95 16.57
CA PRO A 96 3.97 5.63 15.24
C PRO A 96 4.63 6.31 14.04
N THR A 97 5.73 7.01 14.25
CA THR A 97 6.47 7.57 13.12
C THR A 97 6.97 6.46 12.24
N THR A 98 7.51 5.44 12.88
CA THR A 98 8.13 4.34 12.16
C THR A 98 7.08 3.23 12.17
N ALA A 99 6.79 2.69 11.00
CA ALA A 99 5.85 1.61 10.86
C ALA A 99 6.50 0.29 11.21
N PRO A 100 5.77 -0.67 11.82
CA PRO A 100 6.31 -1.99 12.03
C PRO A 100 6.50 -2.73 10.71
N GLU A 101 7.33 -3.75 10.76
CA GLU A 101 7.49 -4.67 9.65
C GLU A 101 6.70 -5.94 9.92
N ILE A 102 5.73 -6.20 9.05
CA ILE A 102 4.87 -7.36 9.20
C ILE A 102 5.64 -8.56 8.68
N ALA A 103 5.56 -9.66 9.41
CA ALA A 103 6.19 -10.89 8.97
C ALA A 103 5.12 -11.96 8.79
N VAL A 104 5.37 -12.82 7.81
CA VAL A 104 4.63 -14.03 7.58
C VAL A 104 5.62 -15.17 7.61
N PRO A 105 6.03 -15.65 8.80
CA PRO A 105 7.19 -16.55 8.94
C PRO A 105 7.09 -17.83 8.13
N GLU A 106 5.90 -18.37 7.95
CA GLU A 106 5.82 -19.62 7.22
C GLU A 106 6.12 -19.41 5.74
N LEU A 107 6.18 -18.16 5.25
CA LEU A 107 6.50 -17.96 3.84
C LEU A 107 7.97 -17.59 3.63
N ASP A 108 8.78 -17.63 4.68
CA ASP A 108 10.18 -17.24 4.62
C ASP A 108 10.88 -18.15 3.63
N GLY A 109 11.57 -17.56 2.63
CA GLY A 109 12.26 -18.35 1.66
C GLY A 109 11.39 -18.77 0.48
N LYS A 110 10.12 -18.38 0.45
CA LYS A 110 9.21 -18.89 -0.55
C LYS A 110 8.91 -17.82 -1.61
N THR A 111 9.15 -16.54 -1.30
CA THR A 111 8.99 -15.45 -2.25
C THR A 111 10.15 -14.48 -2.13
N ALA A 112 10.55 -13.85 -3.25
CA ALA A 112 11.60 -12.86 -3.21
C ALA A 112 11.09 -11.49 -2.79
N LYS A 113 9.78 -11.32 -2.68
CA LYS A 113 9.24 -10.04 -2.24
C LYS A 113 9.12 -10.00 -0.72
N MET A 114 10.29 -10.16 -0.07
CA MET A 114 10.35 -10.40 1.36
C MET A 114 11.81 -10.30 1.77
N TYR A 115 12.03 -9.74 2.96
CA TYR A 115 13.33 -9.65 3.60
C TYR A 115 13.50 -10.91 4.46
N ARG A 116 14.44 -10.87 5.40
CA ARG A 116 14.68 -12.00 6.28
C ARG A 116 13.47 -12.22 7.20
N GLY A 117 13.30 -13.46 7.66
CA GLY A 117 12.39 -13.74 8.75
C GLY A 117 10.92 -13.60 8.35
N GLY A 118 10.63 -13.66 7.06
CA GLY A 118 9.29 -13.53 6.54
C GLY A 118 8.80 -12.08 6.48
N LYS A 119 9.67 -11.09 6.67
CA LYS A 119 9.24 -9.69 6.66
C LYS A 119 8.85 -9.31 5.24
N ILE A 120 7.56 -8.96 5.02
CA ILE A 120 7.12 -8.67 3.65
C ILE A 120 7.76 -7.38 3.14
N LYS A 121 7.97 -7.34 1.83
CA LYS A 121 8.53 -6.17 1.16
C LYS A 121 7.38 -5.44 0.46
N LEU A 122 7.09 -4.23 0.90
CA LEU A 122 6.03 -3.45 0.30
C LEU A 122 6.64 -2.59 -0.81
N THR A 123 5.83 -1.91 -1.60
CA THR A 123 6.38 -0.99 -2.58
C THR A 123 6.99 0.22 -1.89
N ASP A 124 7.80 0.95 -2.64
CA ASP A 124 8.49 2.14 -2.18
C ASP A 124 7.54 3.29 -1.91
N HIS A 125 6.32 3.22 -2.42
CA HIS A 125 5.33 4.25 -2.10
C HIS A 125 4.77 4.11 -0.68
N PHE A 126 4.95 2.97 -0.02
CA PHE A 126 4.34 2.78 1.32
C PHE A 126 4.94 3.73 2.36
N LYS A 127 6.27 3.79 2.43
CA LYS A 127 6.94 4.61 3.43
C LYS A 127 6.54 6.08 3.33
N PRO A 128 6.62 6.78 2.15
CA PRO A 128 6.17 8.17 2.10
C PRO A 128 4.73 8.35 2.52
N LEU A 129 3.85 7.44 2.07
CA LEU A 129 2.45 7.51 2.42
C LEU A 129 2.28 7.46 3.94
N TRP A 130 2.92 6.48 4.57
CA TRP A 130 2.87 6.38 6.03
C TRP A 130 3.38 7.67 6.69
N ALA A 131 4.57 8.12 6.29
CA ALA A 131 5.21 9.26 6.92
C ALA A 131 4.38 10.54 6.85
N ARG A 132 3.63 10.77 5.76
CA ARG A 132 2.92 12.03 5.64
C ARG A 132 1.58 11.94 6.36
N ASN A 133 1.24 10.78 6.95
CA ASN A 133 -0.04 10.62 7.63
C ASN A 133 0.14 10.52 9.17
N VAL A 134 1.39 10.57 9.67
CA VAL A 134 1.65 10.33 11.08
C VAL A 134 0.98 11.46 11.89
N PRO A 135 0.28 11.21 13.01
CA PRO A 135 0.07 9.86 13.54
C PRO A 135 -1.30 9.24 13.29
N LYS A 136 -2.00 9.64 12.20
CA LYS A 136 -3.37 9.18 11.99
C LYS A 136 -3.44 7.73 11.51
N PHE A 137 -2.36 7.21 10.92
CA PHE A 137 -2.35 5.80 10.51
C PHE A 137 -1.88 4.95 11.68
N GLY A 138 -2.52 3.79 11.79
CA GLY A 138 -2.13 2.80 12.75
C GLY A 138 -2.18 1.41 12.15
N LEU A 139 -2.30 0.42 13.03
CA LEU A 139 -2.12 -0.96 12.59
C LEU A 139 -3.22 -1.39 11.62
N ALA A 140 -4.43 -0.83 11.73
CA ALA A 140 -5.50 -1.14 10.79
C ALA A 140 -5.13 -0.69 9.40
N HIS A 141 -4.50 0.50 9.27
CA HIS A 141 -4.02 1.00 7.99
C HIS A 141 -2.84 0.13 7.48
N LEU A 142 -1.99 -0.32 8.38
CA LEU A 142 -0.86 -1.16 8.01
C LEU A 142 -1.34 -2.48 7.37
N MET A 143 -2.45 -2.99 7.91
CA MET A 143 -3.08 -4.17 7.36
C MET A 143 -3.75 -3.85 6.01
N ALA A 144 -4.58 -2.80 5.96
CA ALA A 144 -5.36 -2.45 4.77
C ALA A 144 -4.46 -2.01 3.62
N LEU A 145 -3.37 -1.30 3.92
CA LEU A 145 -2.58 -0.70 2.83
C LEU A 145 -1.27 -1.43 2.61
N GLY A 146 -0.85 -2.24 3.59
CA GLY A 146 0.42 -2.95 3.51
C GLY A 146 0.21 -4.42 3.24
N LEU A 147 -0.23 -5.16 4.25
CA LEU A 147 -0.31 -6.60 4.09
C LEU A 147 -1.35 -7.01 3.02
N GLY A 148 -2.55 -6.44 3.11
CA GLY A 148 -3.64 -6.81 2.20
C GLY A 148 -3.24 -6.79 0.72
N PRO A 149 -2.74 -5.66 0.24
CA PRO A 149 -2.26 -5.60 -1.15
C PRO A 149 -1.07 -6.52 -1.47
N TRP A 150 -0.17 -6.72 -0.51
CA TRP A 150 0.89 -7.68 -0.67
C TRP A 150 0.32 -9.07 -0.91
N LEU A 151 -0.66 -9.52 -0.11
CA LEU A 151 -1.24 -10.83 -0.27
C LEU A 151 -1.89 -10.96 -1.66
N ALA A 152 -2.58 -9.91 -2.08
CA ALA A 152 -3.38 -9.92 -3.31
C ALA A 152 -2.49 -10.13 -4.52
N VAL A 153 -1.25 -9.68 -4.42
CA VAL A 153 -0.27 -9.90 -5.46
C VAL A 153 0.43 -11.23 -5.24
N GLU A 154 0.98 -11.49 -4.04
CA GLU A 154 1.88 -12.62 -3.91
C GLU A 154 1.17 -13.97 -3.79
N ILE A 155 0.05 -14.07 -3.08
CA ILE A 155 -0.52 -15.38 -2.82
C ILE A 155 -0.96 -16.07 -4.13
N PRO A 156 -1.70 -15.44 -5.05
CA PRO A 156 -2.06 -16.10 -6.33
C PRO A 156 -0.83 -16.63 -7.10
N ASP A 157 0.27 -15.89 -7.07
CA ASP A 157 1.51 -16.30 -7.68
C ASP A 157 2.06 -17.59 -7.06
N LEU A 158 2.16 -17.62 -5.72
CA LEU A 158 2.70 -18.79 -5.06
C LEU A 158 1.83 -20.04 -5.28
N ILE A 159 0.50 -19.82 -5.34
CA ILE A 159 -0.41 -20.90 -5.64
C ILE A 159 -0.17 -21.38 -7.07
N GLN A 160 -0.16 -20.48 -8.04
CA GLN A 160 -0.05 -20.86 -9.43
C GLN A 160 1.26 -21.64 -9.65
N LYS A 161 2.30 -21.35 -8.87
CA LYS A 161 3.57 -22.03 -9.05
C LYS A 161 3.65 -23.30 -8.23
N GLY A 162 2.64 -23.58 -7.42
CA GLY A 162 2.67 -24.74 -6.56
C GLY A 162 3.61 -24.64 -5.36
N VAL A 163 4.13 -23.45 -5.05
CA VAL A 163 4.95 -23.22 -3.85
C VAL A 163 4.12 -23.30 -2.58
N ILE A 164 2.87 -22.85 -2.60
CA ILE A 164 1.98 -23.18 -1.49
C ILE A 164 0.88 -24.08 -2.02
N GLN A 165 0.50 -25.03 -1.17
CA GLN A 165 -0.60 -25.94 -1.39
C GLN A 165 -1.51 -25.64 -0.21
N HIS A 166 -2.82 -25.91 -0.30
CA HIS A 166 -3.72 -25.37 0.70
C HIS A 166 -3.96 -26.40 1.81
N SER B 3 2.21 24.59 -28.25
CA SER B 3 3.45 23.81 -28.09
C SER B 3 3.52 23.07 -26.73
N LYS B 4 2.68 23.37 -25.74
CA LYS B 4 2.60 22.49 -24.56
C LYS B 4 1.37 21.57 -24.55
N VAL B 5 1.49 20.45 -23.81
CA VAL B 5 0.38 19.57 -23.47
C VAL B 5 0.34 19.34 -21.95
N SER B 6 -0.87 19.13 -21.44
CA SER B 6 -1.17 18.96 -20.03
C SER B 6 -1.65 17.54 -19.77
N PHE B 7 -1.18 16.95 -18.67
CA PHE B 7 -1.62 15.65 -18.23
C PHE B 7 -2.17 15.80 -16.82
N LYS B 8 -3.29 15.14 -16.60
CA LYS B 8 -3.80 14.92 -15.27
C LYS B 8 -3.24 13.61 -14.76
N ILE B 9 -2.40 13.70 -13.70
CA ILE B 9 -1.73 12.52 -13.19
C ILE B 9 -2.16 12.23 -11.75
N THR B 10 -2.74 11.05 -11.57
CA THR B 10 -3.24 10.63 -10.27
C THR B 10 -2.25 9.67 -9.63
N LEU B 11 -1.97 9.92 -8.34
CA LEU B 11 -1.13 9.02 -7.58
C LEU B 11 -2.01 7.92 -6.96
N THR B 12 -1.89 6.68 -7.46
CA THR B 12 -2.85 5.64 -7.12
C THR B 12 -2.49 5.00 -5.80
N SER B 13 -1.27 5.24 -5.32
CA SER B 13 -0.81 4.58 -4.10
C SER B 13 -1.35 5.27 -2.85
N ASP B 14 -1.90 6.48 -3.02
CA ASP B 14 -2.42 7.28 -1.95
C ASP B 14 -3.94 7.16 -2.02
N PRO B 15 -4.59 6.71 -0.94
CA PRO B 15 -6.02 6.43 -0.96
C PRO B 15 -6.88 7.65 -1.18
N ARG B 16 -6.35 8.87 -0.98
CA ARG B 16 -7.10 10.05 -1.36
C ARG B 16 -7.15 10.20 -2.88
N LEU B 17 -6.30 9.47 -3.62
CA LEU B 17 -6.21 9.58 -5.08
C LEU B 17 -6.02 11.04 -5.51
N PRO B 18 -4.98 11.70 -4.99
CA PRO B 18 -4.75 13.07 -5.37
C PRO B 18 -4.19 13.14 -6.79
N TYR B 19 -4.45 14.27 -7.43
CA TYR B 19 -3.87 14.45 -8.76
C TYR B 19 -3.15 15.78 -8.85
N LYS B 20 -2.29 15.83 -9.86
CA LYS B 20 -1.65 17.05 -10.31
C LYS B 20 -1.76 17.15 -11.82
N VAL B 21 -1.85 18.39 -12.32
CA VAL B 21 -1.79 18.61 -13.77
C VAL B 21 -0.42 19.15 -14.10
N LEU B 22 0.30 18.41 -14.95
CA LEU B 22 1.62 18.81 -15.36
C LEU B 22 1.58 19.19 -16.81
N SER B 23 2.15 20.37 -17.10
CA SER B 23 2.20 20.89 -18.45
C SER B 23 3.65 20.86 -18.91
N VAL B 24 3.90 20.27 -20.08
CA VAL B 24 5.24 20.14 -20.61
C VAL B 24 5.21 20.43 -22.11
N PRO B 25 6.35 20.89 -22.69
CA PRO B 25 6.44 21.02 -24.14
C PRO B 25 6.07 19.69 -24.79
N GLU B 26 5.46 19.77 -25.99
CA GLU B 26 5.01 18.57 -26.66
C GLU B 26 6.18 17.66 -27.02
N SER B 27 7.36 18.22 -27.23
CA SER B 27 8.50 17.39 -27.63
C SER B 27 9.24 16.79 -26.42
N THR B 28 8.76 17.02 -25.20
CA THR B 28 9.41 16.47 -24.00
C THR B 28 9.42 14.94 -24.05
N PRO B 29 10.58 14.25 -23.89
CA PRO B 29 10.57 12.80 -23.82
C PRO B 29 9.65 12.35 -22.67
N PHE B 30 8.81 11.32 -22.90
CA PHE B 30 7.91 10.87 -21.86
C PHE B 30 8.62 10.38 -20.58
N THR B 31 9.84 9.85 -20.67
CA THR B 31 10.58 9.53 -19.44
C THR B 31 10.75 10.76 -18.54
N ALA B 32 10.90 11.95 -19.11
CA ALA B 32 11.03 13.17 -18.30
C ALA B 32 9.71 13.49 -17.58
N VAL B 33 8.58 13.13 -18.22
CA VAL B 33 7.27 13.31 -17.60
C VAL B 33 7.23 12.41 -16.36
N LEU B 34 7.69 11.17 -16.49
CA LEU B 34 7.72 10.27 -15.35
C LEU B 34 8.59 10.83 -14.24
N LYS B 35 9.78 11.32 -14.58
CA LYS B 35 10.68 11.90 -13.56
C LYS B 35 10.02 13.12 -12.91
N PHE B 36 9.36 13.97 -13.71
CA PHE B 36 8.70 15.17 -13.20
C PHE B 36 7.58 14.78 -12.23
N ALA B 37 6.74 13.81 -12.63
CA ALA B 37 5.62 13.37 -11.80
C ALA B 37 6.13 12.75 -10.49
N ALA B 38 7.19 11.93 -10.57
CA ALA B 38 7.73 11.28 -9.39
C ALA B 38 8.28 12.32 -8.39
N GLU B 39 9.00 13.31 -8.92
CA GLU B 39 9.54 14.42 -8.14
C GLU B 39 8.40 15.17 -7.44
N GLU B 40 7.36 15.47 -8.20
CA GLU B 40 6.23 16.21 -7.66
C GLU B 40 5.47 15.43 -6.58
N PHE B 41 5.39 14.10 -6.71
CA PHE B 41 4.66 13.33 -5.71
C PHE B 41 5.60 12.90 -4.56
N LYS B 42 6.90 13.19 -4.68
CA LYS B 42 7.93 12.81 -3.72
C LYS B 42 7.99 11.28 -3.62
N VAL B 43 8.01 10.61 -4.78
CA VAL B 43 8.26 9.18 -4.83
C VAL B 43 9.44 8.97 -5.76
N PRO B 44 10.17 7.85 -5.62
CA PRO B 44 11.32 7.61 -6.48
C PRO B 44 10.86 7.33 -7.92
N ALA B 45 11.57 7.90 -8.87
CA ALA B 45 11.27 7.62 -10.25
C ALA B 45 11.53 6.14 -10.55
N ALA B 46 12.54 5.50 -9.96
CA ALA B 46 12.95 4.18 -10.45
C ALA B 46 12.00 3.08 -9.98
N THR B 47 11.20 3.38 -8.92
CA THR B 47 10.19 2.46 -8.45
C THR B 47 8.77 3.00 -8.68
N SER B 48 8.63 3.85 -9.69
CA SER B 48 7.32 4.29 -10.10
C SER B 48 7.17 4.04 -11.58
N ALA B 49 5.92 4.07 -12.05
CA ALA B 49 5.61 3.96 -13.47
C ALA B 49 4.39 4.80 -13.76
N ILE B 50 4.19 5.15 -15.04
CA ILE B 50 2.97 5.78 -15.45
C ILE B 50 2.25 4.86 -16.46
N ILE B 51 0.95 4.74 -16.26
CA ILE B 51 0.04 4.04 -17.13
C ILE B 51 -1.14 4.96 -17.41
N THR B 52 -1.96 4.56 -18.39
CA THR B 52 -3.13 5.35 -18.72
C THR B 52 -4.18 5.30 -17.61
N ASN B 53 -5.14 6.20 -17.67
CA ASN B 53 -6.29 6.19 -16.77
C ASN B 53 -6.96 4.81 -16.77
N ASP B 54 -7.00 4.14 -17.92
CA ASP B 54 -7.69 2.86 -18.02
C ASP B 54 -6.76 1.68 -17.91
N GLY B 55 -5.52 1.87 -17.40
CA GLY B 55 -4.72 0.72 -16.96
C GLY B 55 -3.83 0.14 -18.05
N ILE B 56 -3.52 0.95 -19.05
CA ILE B 56 -2.76 0.49 -20.18
C ILE B 56 -1.31 0.94 -20.01
N GLY B 57 -0.41 0.05 -20.44
CA GLY B 57 1.02 0.34 -20.44
C GLY B 57 1.37 1.33 -21.54
N ILE B 58 2.32 2.22 -21.21
CA ILE B 58 2.80 3.22 -22.14
C ILE B 58 4.26 2.98 -22.47
N ASN B 59 4.60 2.96 -23.76
CA ASN B 59 5.97 2.83 -24.19
C ASN B 59 6.65 4.14 -23.83
N PRO B 60 7.74 4.12 -23.02
CA PRO B 60 8.41 5.36 -22.65
C PRO B 60 9.15 6.04 -23.80
N ALA B 61 9.41 5.29 -24.90
CA ALA B 61 10.27 5.85 -25.95
C ALA B 61 9.45 6.66 -26.95
N GLN B 62 8.89 7.77 -26.45
CA GLN B 62 8.07 8.64 -27.28
C GLN B 62 7.93 9.97 -26.54
N THR B 63 7.40 10.97 -27.23
CA THR B 63 7.27 12.28 -26.67
C THR B 63 5.96 12.36 -25.87
N ALA B 64 5.87 13.40 -25.05
CA ALA B 64 4.65 13.75 -24.37
C ALA B 64 3.53 13.95 -25.38
N GLY B 65 3.78 14.70 -26.47
CA GLY B 65 2.72 14.95 -27.41
C GLY B 65 2.18 13.66 -28.00
N ASN B 66 3.10 12.73 -28.34
N ASN B 66 3.04 12.70 -28.29
CA ASN B 66 2.79 11.39 -28.82
CA ASN B 66 2.56 11.46 -28.84
C ASN B 66 1.82 10.70 -27.85
C ASN B 66 1.71 10.71 -27.81
N VAL B 67 2.12 10.73 -26.55
CA VAL B 67 1.34 10.04 -25.53
C VAL B 67 -0.03 10.69 -25.33
N PHE B 68 -0.04 12.02 -25.36
CA PHE B 68 -1.21 12.86 -25.21
C PHE B 68 -2.25 12.50 -26.28
N LEU B 69 -1.85 12.33 -27.53
CA LEU B 69 -2.78 11.94 -28.58
C LEU B 69 -3.09 10.44 -28.61
N LYS B 70 -2.07 9.59 -28.43
CA LYS B 70 -2.25 8.17 -28.58
C LYS B 70 -3.11 7.68 -27.42
N HIS B 71 -2.78 8.13 -26.20
CA HIS B 71 -3.40 7.60 -25.01
C HIS B 71 -4.45 8.55 -24.43
N GLY B 72 -4.15 9.85 -24.31
CA GLY B 72 -5.07 10.77 -23.64
C GLY B 72 -4.35 11.51 -22.51
N SER B 73 -4.98 12.56 -21.98
CA SER B 73 -4.35 13.43 -21.01
C SER B 73 -4.36 12.82 -19.59
N GLU B 74 -5.14 11.76 -19.34
CA GLU B 74 -5.36 11.29 -17.98
C GLU B 74 -4.47 10.08 -17.75
N LEU B 75 -3.61 10.18 -16.70
CA LEU B 75 -2.61 9.17 -16.41
C LEU B 75 -2.64 8.83 -14.92
N ARG B 76 -2.14 7.65 -14.66
CA ARG B 76 -1.92 7.17 -13.29
C ARG B 76 -0.44 6.97 -13.03
N ILE B 77 0.05 7.44 -11.85
CA ILE B 77 1.39 7.09 -11.43
C ILE B 77 1.28 6.02 -10.34
N ILE B 78 1.94 4.89 -10.59
CA ILE B 78 1.75 3.68 -9.80
C ILE B 78 3.12 3.25 -9.28
N PRO B 79 3.16 2.44 -8.18
CA PRO B 79 4.41 1.77 -7.77
C PRO B 79 4.82 0.78 -8.85
N ARG B 80 6.11 0.61 -9.08
CA ARG B 80 6.57 -0.31 -10.10
C ARG B 80 7.00 -1.66 -9.51
N ASP B 81 6.96 -2.70 -10.35
CA ASP B 81 7.64 -3.96 -10.07
C ASP B 81 9.16 -3.77 -10.08
N ARG B 82 9.85 -3.76 -8.93
CA ARG B 82 11.31 -3.66 -8.98
C ARG B 82 12.02 -4.39 -7.83
N VAL B 83 13.15 -5.02 -8.18
CA VAL B 83 13.84 -6.00 -7.37
C VAL B 83 14.59 -5.30 -6.23
N GLY B 84 14.76 -6.04 -5.13
CA GLY B 84 15.27 -5.54 -3.86
C GLY B 84 14.15 -4.85 -3.08
#